data_3PW5
#
_entry.id   3PW5
#
_cell.length_a   94.667
_cell.length_b   104.415
_cell.length_c   52.510
_cell.angle_alpha   90.00
_cell.angle_beta   90.00
_cell.angle_gamma   90.00
#
_symmetry.space_group_name_H-M   'P 21 21 2'
#
loop_
_entity.id
_entity.type
_entity.pdbx_description
1 polymer 'DNA polymerase IV'
2 polymer "DNA (5'-D(*TP*TP*GP*AP*AP*TP*CP*CP*TP*TP*CP*CP*CP*CP*C)-3')"
3 polymer "DNA (5'-D(*GP*GP*GP*GP*GP*AP*AP*GP*GP*AP*TP*TP*C)-3')"
4 non-polymer "THYMIDINE-5'-TRIPHOSPHATE"
5 non-polymer 'CALCIUM ION'
6 non-polymer '8,9-DIHYDRO-9-HYDROXY-AFLATOXIN B1'
7 water water
#
loop_
_entity_poly.entity_id
_entity_poly.type
_entity_poly.pdbx_seq_one_letter_code
_entity_poly.pdbx_strand_id
1 'polypeptide(L)'
;HHHHHHMIVLFVDFDYFYAQVEEVLNPSLKGKPVVVCVFSGRFEDSGAVATANYEARKFGVKAGIPIVEAKKILPNAVYL
PMRKEVYQQVSSRIMNLLREYSEKIEIASIDEAYLDISDKVRDYREAYNLGLEIKNKILEKEKITVTVGISKNKVFAKIA
ADMAKPNGIKVIDDEEVKRLIRELDIADVPGIGNITAEKLKKLGINKLVDTLSIEFDKLKGMIGEAKAKYLISLARDEYN
EPIRTRVRKSIGRIVTMKRNSRNLEEIKPYLFRAIEESYYKLDKRIPKAIHVVAVTEDLDIVSRGRTFPHGISKETAYSE
SVKLLQKILEEDERKIRRIGVRFSKFI
;
A
2 'polydeoxyribonucleotide' (DT)(DT)(DG)(DA)(DA)(DT)(DC)(DC)(DT)(DT)(DC)(DC)(DC)(DC)(DC) B
3 'polydeoxyribonucleotide' (DG)(DG)(DG)(DG)(DG)(DA)(DA)(DG)(DG)(DA)(DT)(DT)(DC) C
#
loop_
_chem_comp.id
_chem_comp.type
_chem_comp.name
_chem_comp.formula
AFN non-polymer '8,9-DIHYDRO-9-HYDROXY-AFLATOXIN B1' 'C17 H14 O7'
CA non-polymer 'CALCIUM ION' 'Ca 2'
DA DNA linking 2'-DEOXYADENOSINE-5'-MONOPHOSPHATE 'C10 H14 N5 O6 P'
DC DNA linking 2'-DEOXYCYTIDINE-5'-MONOPHOSPHATE 'C9 H14 N3 O7 P'
DG DNA linking 2'-DEOXYGUANOSINE-5'-MONOPHOSPHATE 'C10 H14 N5 O7 P'
DT DNA linking THYMIDINE-5'-MONOPHOSPHATE 'C10 H15 N2 O8 P'
TTP non-polymer THYMIDINE-5'-TRIPHOSPHATE 'C10 H17 N2 O14 P3'
#
# COMPACT_ATOMS: atom_id res chain seq x y z
N HIS A 6 25.51 3.19 15.55
CA HIS A 6 25.25 2.72 14.16
C HIS A 6 24.48 3.71 13.31
N MET A 7 23.26 3.36 12.94
CA MET A 7 22.44 4.24 12.12
C MET A 7 21.12 4.60 12.75
N ILE A 8 20.49 5.61 12.15
CA ILE A 8 19.21 6.12 12.60
C ILE A 8 18.31 6.27 11.39
N VAL A 9 17.21 5.52 11.37
CA VAL A 9 16.26 5.57 10.26
C VAL A 9 15.01 6.37 10.61
N LEU A 10 14.65 7.30 9.72
CA LEU A 10 13.49 8.14 9.92
C LEU A 10 12.38 7.71 8.97
N PHE A 11 11.17 7.56 9.48
CA PHE A 11 10.03 7.14 8.68
C PHE A 11 8.94 8.21 8.62
N VAL A 12 8.50 8.55 7.41
CA VAL A 12 7.45 9.54 7.30
C VAL A 12 6.28 8.86 6.63
N ASP A 13 5.10 9.11 7.19
CA ASP A 13 3.87 8.51 6.71
C ASP A 13 2.75 9.54 6.86
N PHE A 14 2.09 9.93 5.76
CA PHE A 14 1.02 10.95 5.78
C PHE A 14 -0.31 10.48 6.34
N ASP A 15 -0.90 11.25 7.24
CA ASP A 15 -2.19 10.85 7.84
C ASP A 15 -3.38 10.84 6.89
N TYR A 16 -4.24 9.83 7.02
CA TYR A 16 -5.43 9.67 6.17
C TYR A 16 -5.30 10.48 4.86
N PHE A 17 -4.19 10.25 4.16
CA PHE A 17 -3.82 10.93 2.92
C PHE A 17 -4.83 11.38 1.86
N TYR A 18 -5.59 10.48 1.25
CA TYR A 18 -6.55 10.89 0.24
C TYR A 18 -7.57 11.80 0.89
N ALA A 19 -8.17 11.33 1.97
CA ALA A 19 -9.16 12.12 2.68
C ALA A 19 -8.58 13.51 2.98
N GLN A 20 -7.35 13.55 3.46
CA GLN A 20 -6.74 14.83 3.78
C GLN A 20 -6.42 15.69 2.56
N VAL A 21 -6.20 15.08 1.40
CA VAL A 21 -5.92 15.87 0.21
C VAL A 21 -7.20 16.56 -0.24
N GLU A 22 -8.33 15.88 -0.03
CA GLU A 22 -9.65 16.41 -0.40
C GLU A 22 -10.00 17.55 0.56
N GLU A 23 -9.40 17.49 1.75
CA GLU A 23 -9.60 18.50 2.78
C GLU A 23 -8.81 19.75 2.39
N VAL A 24 -7.50 19.63 2.34
CA VAL A 24 -6.66 20.76 1.95
C VAL A 24 -7.24 21.47 0.71
N LEU A 25 -7.67 20.69 -0.29
CA LEU A 25 -8.23 21.23 -1.52
C LEU A 25 -9.58 21.93 -1.35
N ASN A 26 -10.18 21.80 -0.17
CA ASN A 26 -11.47 22.41 0.13
C ASN A 26 -11.61 22.45 1.64
N PRO A 27 -10.88 23.37 2.29
CA PRO A 27 -10.82 23.59 3.74
C PRO A 27 -12.13 23.45 4.49
N SER A 28 -13.24 23.77 3.83
CA SER A 28 -14.55 23.68 4.48
C SER A 28 -14.82 22.31 5.10
N LEU A 29 -14.30 21.26 4.45
CA LEU A 29 -14.49 19.89 4.90
C LEU A 29 -13.94 19.57 6.27
N LYS A 30 -12.83 20.21 6.63
CA LYS A 30 -12.17 19.99 7.90
C LYS A 30 -13.15 19.83 9.07
N GLY A 31 -12.75 19.07 10.08
CA GLY A 31 -13.60 18.86 11.24
C GLY A 31 -14.90 18.10 11.02
N LYS A 32 -15.26 17.87 9.77
CA LYS A 32 -16.49 17.14 9.44
C LYS A 32 -16.10 15.76 8.90
N PRO A 33 -16.93 14.72 9.12
CA PRO A 33 -16.55 13.41 8.57
C PRO A 33 -16.46 13.39 7.04
N VAL A 34 -15.32 12.95 6.55
CA VAL A 34 -15.06 12.86 5.11
C VAL A 34 -14.74 11.42 4.76
N VAL A 35 -15.37 10.89 3.72
CA VAL A 35 -15.12 9.51 3.32
C VAL A 35 -14.80 9.46 1.81
N VAL A 36 -13.56 9.14 1.45
CA VAL A 36 -13.20 9.05 0.03
C VAL A 36 -13.50 7.65 -0.46
N CYS A 37 -14.38 7.52 -1.42
CA CYS A 37 -14.69 6.20 -1.90
C CYS A 37 -14.75 6.09 -3.40
N VAL A 38 -14.69 4.86 -3.92
CA VAL A 38 -14.73 4.63 -5.35
C VAL A 38 -15.98 3.85 -5.76
N PHE A 39 -16.90 4.59 -6.37
CA PHE A 39 -18.17 4.07 -6.82
C PHE A 39 -18.08 3.28 -8.12
N SER A 40 -18.45 2.00 -8.09
CA SER A 40 -18.44 1.16 -9.29
C SER A 40 -19.88 1.14 -9.81
N GLY A 41 -20.08 1.51 -11.07
CA GLY A 41 -21.42 1.56 -11.63
C GLY A 41 -22.35 0.36 -11.45
N ARG A 42 -21.87 -0.67 -10.76
CA ARG A 42 -22.64 -1.89 -10.53
C ARG A 42 -24.10 -1.59 -10.15
N PHE A 43 -24.29 -0.59 -9.29
CA PHE A 43 -25.60 -0.14 -8.83
C PHE A 43 -25.38 1.12 -7.99
N GLU A 44 -26.41 1.67 -7.35
CA GLU A 44 -26.18 2.89 -6.58
C GLU A 44 -25.52 2.71 -5.23
N ASP A 45 -24.41 3.42 -5.03
CA ASP A 45 -23.59 3.36 -3.81
C ASP A 45 -22.77 2.09 -3.82
N SER A 46 -22.69 1.48 -4.99
CA SER A 46 -21.93 0.27 -5.19
C SER A 46 -20.47 0.65 -5.07
N GLY A 47 -19.70 -0.15 -4.34
CA GLY A 47 -18.30 0.17 -4.20
C GLY A 47 -17.81 0.04 -2.77
N ALA A 48 -16.54 0.36 -2.56
CA ALA A 48 -15.94 0.27 -1.25
C ALA A 48 -15.48 1.67 -0.82
N VAL A 49 -14.78 1.73 0.31
CA VAL A 49 -14.25 2.98 0.83
C VAL A 49 -12.73 2.97 0.71
N ALA A 50 -12.17 3.93 -0.03
CA ALA A 50 -10.72 4.03 -0.19
C ALA A 50 -10.13 4.43 1.16
N THR A 51 -10.73 5.42 1.80
CA THR A 51 -10.28 5.87 3.12
C THR A 51 -11.19 6.92 3.73
N ALA A 52 -11.00 7.18 5.02
CA ALA A 52 -11.81 8.17 5.71
C ALA A 52 -10.95 8.93 6.69
N ASN A 53 -11.19 10.24 6.84
CA ASN A 53 -10.42 11.00 7.80
C ASN A 53 -10.83 10.47 9.17
N TYR A 54 -10.20 10.96 10.24
CA TYR A 54 -10.49 10.46 11.57
C TYR A 54 -11.86 10.72 12.15
N GLU A 55 -12.50 11.81 11.73
CA GLU A 55 -13.84 12.11 12.23
C GLU A 55 -14.71 10.89 11.98
N ALA A 56 -14.88 10.53 10.71
CA ALA A 56 -15.70 9.38 10.33
C ALA A 56 -15.12 8.09 10.83
N ARG A 57 -13.80 8.03 10.96
CA ARG A 57 -13.17 6.81 11.42
C ARG A 57 -13.47 6.48 12.89
N LYS A 58 -13.90 7.47 13.65
CA LYS A 58 -14.26 7.25 15.05
C LYS A 58 -15.41 6.27 15.13
N PHE A 59 -16.43 6.51 14.32
CA PHE A 59 -17.63 5.70 14.29
C PHE A 59 -17.62 4.43 13.46
N GLY A 60 -16.45 3.87 13.17
CA GLY A 60 -16.40 2.64 12.42
C GLY A 60 -16.16 2.72 10.93
N VAL A 61 -16.45 3.85 10.30
CA VAL A 61 -16.24 3.97 8.86
C VAL A 61 -14.74 3.98 8.52
N LYS A 62 -14.24 2.86 7.98
CA LYS A 62 -12.83 2.75 7.64
C LYS A 62 -12.63 2.21 6.22
N ALA A 63 -11.39 2.18 5.74
CA ALA A 63 -11.13 1.70 4.39
C ALA A 63 -11.49 0.24 4.18
N GLY A 64 -12.24 -0.01 3.11
CA GLY A 64 -12.63 -1.37 2.80
C GLY A 64 -14.11 -1.68 3.00
N ILE A 65 -14.73 -1.17 4.05
CA ILE A 65 -16.13 -1.47 4.24
C ILE A 65 -16.91 -0.93 3.06
N PRO A 66 -17.91 -1.68 2.58
CA PRO A 66 -18.67 -1.18 1.44
C PRO A 66 -19.21 0.20 1.80
N ILE A 67 -19.52 1.02 0.82
CA ILE A 67 -20.00 2.35 1.15
C ILE A 67 -21.47 2.33 1.59
N VAL A 68 -22.19 1.28 1.25
CA VAL A 68 -23.57 1.21 1.70
C VAL A 68 -23.56 1.08 3.21
N GLU A 69 -22.68 0.22 3.72
CA GLU A 69 -22.58 0.02 5.16
C GLU A 69 -22.11 1.29 5.86
N ALA A 70 -21.32 2.10 5.17
CA ALA A 70 -20.84 3.32 5.75
C ALA A 70 -21.97 4.35 5.78
N LYS A 71 -22.83 4.33 4.77
CA LYS A 71 -23.93 5.30 4.74
C LYS A 71 -25.01 4.99 5.76
N LYS A 72 -25.03 3.77 6.29
CA LYS A 72 -26.02 3.39 7.32
C LYS A 72 -25.46 3.78 8.67
N ILE A 73 -24.16 4.05 8.71
CA ILE A 73 -23.50 4.43 9.95
C ILE A 73 -23.42 5.93 10.08
N LEU A 74 -23.08 6.62 8.99
CA LEU A 74 -22.96 8.07 9.04
C LEU A 74 -23.64 8.66 7.83
N PRO A 75 -24.96 8.49 7.74
CA PRO A 75 -25.77 8.99 6.63
C PRO A 75 -25.58 10.47 6.28
N ASN A 76 -24.83 11.20 7.10
CA ASN A 76 -24.62 12.62 6.83
C ASN A 76 -23.17 13.10 6.75
N ALA A 77 -22.27 12.20 6.40
CA ALA A 77 -20.86 12.53 6.27
C ALA A 77 -20.66 12.93 4.81
N VAL A 78 -19.53 13.54 4.50
CA VAL A 78 -19.28 13.93 3.11
C VAL A 78 -18.62 12.80 2.35
N TYR A 79 -19.32 12.29 1.34
CA TYR A 79 -18.77 11.21 0.53
C TYR A 79 -18.22 11.79 -0.77
N LEU A 80 -16.97 11.46 -1.08
CA LEU A 80 -16.36 11.98 -2.30
C LEU A 80 -15.71 10.88 -3.15
N PRO A 81 -15.74 11.04 -4.47
CA PRO A 81 -15.15 10.07 -5.39
C PRO A 81 -13.65 10.29 -5.37
N MET A 82 -12.90 9.20 -5.38
CA MET A 82 -11.45 9.28 -5.34
C MET A 82 -10.81 9.76 -6.65
N ARG A 83 -9.88 10.70 -6.53
CA ARG A 83 -9.17 11.26 -7.68
C ARG A 83 -7.66 11.00 -7.52
N LYS A 84 -7.24 9.78 -7.88
CA LYS A 84 -5.85 9.33 -7.75
C LYS A 84 -4.75 10.25 -8.28
N GLU A 85 -4.92 10.69 -9.52
CA GLU A 85 -4.01 11.56 -10.26
C GLU A 85 -3.55 12.76 -9.44
N VAL A 86 -4.48 13.38 -8.76
CA VAL A 86 -4.19 14.54 -7.93
C VAL A 86 -3.35 14.14 -6.74
N TYR A 87 -3.84 13.18 -5.95
CA TYR A 87 -3.09 12.72 -4.78
C TYR A 87 -1.68 12.40 -5.20
N GLN A 88 -1.58 11.76 -6.34
CA GLN A 88 -0.30 11.37 -6.90
C GLN A 88 0.65 12.56 -6.97
N GLN A 89 0.18 13.67 -7.54
CA GLN A 89 1.03 14.85 -7.66
C GLN A 89 1.33 15.51 -6.31
N VAL A 90 0.37 15.54 -5.40
CA VAL A 90 0.60 16.14 -4.09
C VAL A 90 1.61 15.30 -3.32
N SER A 91 1.69 14.01 -3.66
CA SER A 91 2.64 13.10 -3.01
C SER A 91 4.03 13.44 -3.54
N SER A 92 4.16 13.40 -4.86
CA SER A 92 5.42 13.71 -5.52
C SER A 92 6.02 14.98 -4.99
N ARG A 93 5.18 15.98 -4.81
CA ARG A 93 5.62 17.27 -4.32
C ARG A 93 6.21 17.09 -2.93
N ILE A 94 5.48 16.44 -2.04
CA ILE A 94 5.95 16.20 -0.66
C ILE A 94 7.18 15.29 -0.63
N MET A 95 7.27 14.39 -1.60
CA MET A 95 8.38 13.45 -1.67
C MET A 95 9.68 14.14 -2.09
N ASN A 96 9.62 15.44 -2.39
CA ASN A 96 10.82 16.17 -2.77
C ASN A 96 11.36 16.95 -1.60
N LEU A 97 10.45 17.54 -0.81
CA LEU A 97 10.86 18.29 0.37
C LEU A 97 11.66 17.35 1.27
N LEU A 98 11.42 16.06 1.12
CA LEU A 98 12.11 15.06 1.91
C LEU A 98 13.49 14.79 1.32
N ARG A 99 13.61 14.82 0.01
CA ARG A 99 14.90 14.58 -0.62
C ARG A 99 15.90 15.61 -0.10
N GLU A 100 15.38 16.72 0.43
CA GLU A 100 16.23 17.79 0.94
C GLU A 100 16.71 17.57 2.35
N TYR A 101 16.50 16.37 2.87
CA TYR A 101 16.93 16.05 4.22
C TYR A 101 17.85 14.84 4.24
N SER A 102 18.01 14.19 3.09
CA SER A 102 18.87 13.02 2.95
C SER A 102 18.58 12.26 1.66
N GLU A 103 19.49 12.39 0.69
CA GLU A 103 19.37 11.72 -0.59
C GLU A 103 19.19 10.20 -0.43
N LYS A 104 19.41 9.70 0.78
CA LYS A 104 19.24 8.28 1.05
C LYS A 104 17.78 8.08 1.43
N ILE A 105 16.91 8.10 0.42
CA ILE A 105 15.48 7.97 0.62
C ILE A 105 14.89 6.73 -0.08
N GLU A 106 13.91 6.10 0.56
CA GLU A 106 13.28 4.92 -0.04
C GLU A 106 12.00 5.17 -0.85
N ILE A 107 10.88 5.41 -0.16
CA ILE A 107 9.56 5.65 -0.80
C ILE A 107 8.78 4.35 -0.99
N ALA A 108 8.19 3.87 0.10
CA ALA A 108 7.44 2.62 0.09
C ALA A 108 6.11 2.68 -0.64
N SER A 109 5.49 3.84 -0.68
CA SER A 109 4.20 3.96 -1.35
C SER A 109 3.86 5.40 -1.69
N ILE A 110 2.59 5.64 -1.97
CA ILE A 110 2.17 6.98 -2.32
C ILE A 110 2.17 7.87 -1.09
N ASP A 111 2.42 7.28 0.08
CA ASP A 111 2.42 8.07 1.29
C ASP A 111 3.49 7.66 2.30
N GLU A 112 4.33 6.69 1.95
CA GLU A 112 5.35 6.23 2.89
C GLU A 112 6.72 6.32 2.31
N ALA A 113 7.65 6.84 3.11
CA ALA A 113 9.03 6.98 2.68
C ALA A 113 10.00 6.84 3.85
N TYR A 114 11.16 6.23 3.59
CA TYR A 114 12.18 6.07 4.62
C TYR A 114 13.40 6.92 4.30
N LEU A 115 14.04 7.45 5.34
CA LEU A 115 15.23 8.27 5.19
C LEU A 115 16.35 7.76 6.09
N ASP A 116 17.57 7.73 5.56
CA ASP A 116 18.71 7.31 6.34
C ASP A 116 19.46 8.58 6.72
N ILE A 117 18.93 9.30 7.70
CA ILE A 117 19.56 10.53 8.16
C ILE A 117 20.67 10.11 9.10
N SER A 118 21.18 8.92 8.87
CA SER A 118 22.24 8.35 9.68
C SER A 118 23.45 9.27 9.75
N ASP A 119 23.72 9.97 8.64
CA ASP A 119 24.87 10.87 8.58
C ASP A 119 24.59 12.32 9.00
N LYS A 120 23.41 12.82 8.73
CA LYS A 120 23.07 14.20 9.07
C LYS A 120 22.77 14.41 10.56
N VAL A 121 22.81 13.35 11.35
CA VAL A 121 22.51 13.45 12.78
C VAL A 121 23.44 12.62 13.67
N ARG A 122 23.75 13.13 14.85
CA ARG A 122 24.65 12.44 15.77
C ARG A 122 23.98 11.62 16.85
N ASP A 123 22.82 12.08 17.33
CA ASP A 123 22.12 11.38 18.39
C ASP A 123 20.61 11.48 18.26
N TYR A 124 19.90 10.46 18.74
CA TYR A 124 18.45 10.40 18.68
C TYR A 124 17.78 11.73 19.00
N ARG A 125 18.29 12.41 20.02
CA ARG A 125 17.76 13.69 20.45
C ARG A 125 17.76 14.70 19.30
N GLU A 126 18.84 14.71 18.51
CA GLU A 126 18.93 15.62 17.38
C GLU A 126 18.02 15.11 16.27
N ALA A 127 17.61 13.85 16.37
CA ALA A 127 16.74 13.23 15.40
C ALA A 127 15.31 13.70 15.61
N TYR A 128 14.91 13.75 16.88
CA TYR A 128 13.59 14.20 17.27
C TYR A 128 13.39 15.61 16.72
N ASN A 129 14.50 16.33 16.58
CA ASN A 129 14.51 17.69 16.07
C ASN A 129 14.33 17.75 14.56
N LEU A 130 15.06 16.91 13.85
CA LEU A 130 14.95 16.85 12.39
C LEU A 130 13.53 16.37 12.10
N GLY A 131 13.00 15.57 13.03
CA GLY A 131 11.65 15.07 12.89
C GLY A 131 10.66 16.22 12.88
N LEU A 132 10.74 17.10 13.87
CA LEU A 132 9.81 18.22 13.92
C LEU A 132 10.07 19.20 12.77
N GLU A 133 11.34 19.38 12.39
CA GLU A 133 11.67 20.27 11.29
C GLU A 133 10.90 19.80 10.05
N ILE A 134 11.05 18.52 9.73
CA ILE A 134 10.40 17.90 8.57
C ILE A 134 8.87 18.03 8.63
N LYS A 135 8.29 17.67 9.77
CA LYS A 135 6.85 17.78 9.94
C LYS A 135 6.40 19.18 9.61
N ASN A 136 7.07 20.14 10.24
CA ASN A 136 6.81 21.57 10.09
C ASN A 136 6.93 22.12 8.67
N LYS A 137 7.95 21.68 7.95
CA LYS A 137 8.16 22.13 6.59
C LYS A 137 7.06 21.59 5.69
N ILE A 138 6.67 20.33 5.90
CA ILE A 138 5.63 19.73 5.08
C ILE A 138 4.28 20.38 5.33
N LEU A 139 4.02 20.71 6.59
CA LEU A 139 2.76 21.34 6.98
C LEU A 139 2.61 22.75 6.43
N GLU A 140 3.73 23.46 6.29
CA GLU A 140 3.74 24.82 5.78
C GLU A 140 3.64 24.84 4.25
N LYS A 141 4.50 24.06 3.60
CA LYS A 141 4.52 23.99 2.15
C LYS A 141 3.28 23.35 1.52
N GLU A 142 2.85 22.20 2.04
CA GLU A 142 1.70 21.49 1.48
C GLU A 142 0.44 21.36 2.34
N LYS A 143 0.51 21.84 3.56
CA LYS A 143 -0.67 21.79 4.43
C LYS A 143 -1.13 20.38 4.80
N ILE A 144 -0.21 19.43 4.82
CA ILE A 144 -0.56 18.06 5.17
C ILE A 144 0.10 17.64 6.49
N THR A 145 -0.62 16.89 7.30
CA THR A 145 -0.10 16.42 8.57
C THR A 145 0.43 15.00 8.44
N VAL A 146 1.66 14.77 8.91
CA VAL A 146 2.29 13.46 8.82
C VAL A 146 2.91 13.01 10.15
N THR A 147 2.95 11.70 10.35
CA THR A 147 3.53 11.14 11.56
C THR A 147 4.93 10.67 11.23
N VAL A 148 5.83 10.79 12.20
CA VAL A 148 7.22 10.41 12.01
C VAL A 148 7.64 9.38 13.06
N GLY A 149 8.41 8.38 12.61
CA GLY A 149 8.90 7.33 13.49
C GLY A 149 10.41 7.32 13.38
N ILE A 150 11.11 7.06 14.49
CA ILE A 150 12.57 7.07 14.45
C ILE A 150 13.17 5.93 15.24
N SER A 151 14.12 5.22 14.62
CA SER A 151 14.77 4.09 15.28
C SER A 151 16.02 3.62 14.55
N LYS A 152 16.51 2.45 14.94
CA LYS A 152 17.73 1.87 14.38
C LYS A 152 17.58 1.15 13.04
N ASN A 153 16.34 0.96 12.58
CA ASN A 153 16.15 0.27 11.30
C ASN A 153 14.73 0.44 10.80
N LYS A 154 14.55 0.34 9.49
CA LYS A 154 13.23 0.49 8.89
C LYS A 154 12.06 -0.11 9.66
N VAL A 155 12.14 -1.40 9.97
CA VAL A 155 11.04 -2.04 10.68
C VAL A 155 10.58 -1.30 11.91
N PHE A 156 11.50 -0.91 12.78
CA PHE A 156 11.09 -0.21 13.97
C PHE A 156 10.70 1.23 13.70
N ALA A 157 11.36 1.86 12.75
CA ALA A 157 11.05 3.24 12.41
C ALA A 157 9.57 3.32 12.05
N LYS A 158 9.09 2.29 11.33
CA LYS A 158 7.70 2.24 10.93
C LYS A 158 6.80 1.91 12.10
N ILE A 159 7.26 1.04 13.00
CA ILE A 159 6.47 0.67 14.18
C ILE A 159 6.24 1.91 15.04
N ALA A 160 7.24 2.79 15.07
CA ALA A 160 7.14 4.02 15.84
C ALA A 160 5.97 4.85 15.30
N ALA A 161 5.91 5.00 13.98
CA ALA A 161 4.84 5.76 13.35
C ALA A 161 3.46 5.14 13.66
N ASP A 162 3.37 3.80 13.65
CA ASP A 162 2.13 3.12 13.93
C ASP A 162 1.64 3.38 15.35
N MET A 163 2.59 3.58 16.25
CA MET A 163 2.25 3.84 17.64
C MET A 163 1.92 5.32 17.86
N ALA A 164 2.32 6.19 16.94
CA ALA A 164 2.06 7.61 17.10
C ALA A 164 1.10 8.27 16.11
N LYS A 165 0.17 7.51 15.54
CA LYS A 165 -0.79 8.08 14.58
C LYS A 165 -1.94 8.77 15.30
N PRO A 166 -2.38 9.94 14.81
CA PRO A 166 -1.87 10.64 13.63
C PRO A 166 -1.16 11.91 14.07
N ASN A 167 -0.56 12.63 13.12
CA ASN A 167 0.15 13.84 13.43
C ASN A 167 0.97 13.61 14.70
N GLY A 168 1.76 12.54 14.70
CA GLY A 168 2.58 12.22 15.85
C GLY A 168 4.06 12.16 15.49
N ILE A 169 4.89 12.04 16.52
CA ILE A 169 6.35 11.93 16.39
C ILE A 169 6.81 11.05 17.55
N LYS A 170 7.63 10.04 17.27
CA LYS A 170 8.09 9.14 18.32
C LYS A 170 9.39 8.40 18.01
N VAL A 171 10.26 8.34 19.02
CA VAL A 171 11.53 7.66 18.87
C VAL A 171 11.52 6.37 19.67
N ILE A 172 12.13 5.32 19.12
CA ILE A 172 12.21 4.04 19.81
C ILE A 172 13.68 3.65 19.92
N ASP A 173 14.24 3.80 21.13
CA ASP A 173 15.65 3.47 21.38
C ASP A 173 15.81 1.97 21.64
N ASP A 174 17.06 1.54 21.74
CA ASP A 174 17.37 0.12 21.95
C ASP A 174 16.80 -0.53 23.20
N GLU A 175 16.32 0.28 24.13
CA GLU A 175 15.72 -0.28 25.33
C GLU A 175 14.28 -0.65 24.99
N GLU A 176 13.63 0.19 24.20
CA GLU A 176 12.27 -0.05 23.79
C GLU A 176 12.24 -1.25 22.86
N VAL A 177 13.27 -1.35 22.01
CA VAL A 177 13.38 -2.45 21.06
C VAL A 177 13.44 -3.77 21.81
N LYS A 178 14.37 -3.87 22.76
CA LYS A 178 14.48 -5.09 23.55
C LYS A 178 13.11 -5.44 24.12
N ARG A 179 12.50 -4.44 24.75
CA ARG A 179 11.17 -4.58 25.35
C ARG A 179 10.16 -5.10 24.33
N LEU A 180 10.11 -4.41 23.19
CA LEU A 180 9.19 -4.76 22.12
C LEU A 180 9.49 -6.09 21.47
N ILE A 181 10.75 -6.52 21.49
CA ILE A 181 11.07 -7.80 20.88
C ILE A 181 10.22 -8.88 21.55
N ARG A 182 9.94 -8.70 22.83
CA ARG A 182 9.16 -9.70 23.56
C ARG A 182 7.71 -9.32 23.84
N GLU A 183 7.45 -8.10 24.25
CA GLU A 183 6.09 -7.68 24.54
C GLU A 183 5.23 -7.33 23.32
N LEU A 184 5.83 -6.77 22.29
CA LEU A 184 5.11 -6.38 21.07
C LEU A 184 4.46 -7.56 20.36
N ASP A 185 3.14 -7.54 20.30
CA ASP A 185 2.38 -8.58 19.62
C ASP A 185 2.91 -8.72 18.20
N ILE A 186 3.26 -9.94 17.82
CA ILE A 186 3.81 -10.21 16.50
C ILE A 186 2.90 -9.87 15.32
N ALA A 187 1.59 -9.92 15.53
CA ALA A 187 0.67 -9.60 14.44
C ALA A 187 0.75 -8.11 14.09
N ASP A 188 1.46 -7.35 14.92
CA ASP A 188 1.61 -5.93 14.69
C ASP A 188 2.98 -5.59 14.06
N VAL A 189 3.63 -6.61 13.52
CA VAL A 189 4.92 -6.45 12.86
C VAL A 189 4.73 -6.31 11.36
N PRO A 190 5.38 -5.30 10.78
CA PRO A 190 5.31 -5.02 9.34
C PRO A 190 5.50 -6.25 8.46
N GLY A 191 4.42 -6.69 7.83
CA GLY A 191 4.53 -7.85 6.96
C GLY A 191 3.90 -9.12 7.50
N ILE A 192 2.98 -8.98 8.46
CA ILE A 192 2.33 -10.15 9.03
C ILE A 192 0.81 -10.01 8.96
N GLY A 193 0.25 -10.27 7.77
CA GLY A 193 -1.19 -10.19 7.61
C GLY A 193 -1.79 -11.30 8.44
N ASN A 194 -3.03 -11.15 8.91
CA ASN A 194 -3.60 -12.19 9.74
C ASN A 194 -3.40 -13.60 9.21
N ILE A 195 -3.24 -13.76 7.89
CA ILE A 195 -3.01 -15.09 7.34
C ILE A 195 -1.75 -15.69 7.92
N THR A 196 -0.70 -14.89 8.05
CA THR A 196 0.56 -15.34 8.62
C THR A 196 0.49 -15.21 10.15
N ALA A 197 -0.35 -14.32 10.65
CA ALA A 197 -0.48 -14.17 12.10
C ALA A 197 -1.17 -15.41 12.67
N GLU A 198 -1.94 -16.10 11.82
CA GLU A 198 -2.64 -17.31 12.22
C GLU A 198 -1.73 -18.53 12.21
N LYS A 199 -1.00 -18.71 11.11
CA LYS A 199 -0.08 -19.84 11.03
C LYS A 199 0.89 -19.71 12.21
N LEU A 200 1.23 -18.47 12.55
CA LEU A 200 2.13 -18.22 13.67
C LEU A 200 1.45 -18.49 14.99
N LYS A 201 0.17 -18.13 15.10
CA LYS A 201 -0.57 -18.33 16.34
C LYS A 201 -0.66 -19.82 16.69
N LYS A 202 -1.09 -20.64 15.74
CA LYS A 202 -1.21 -22.07 15.97
C LYS A 202 0.12 -22.74 15.68
N LEU A 203 1.18 -22.17 16.22
CA LEU A 203 2.53 -22.70 16.03
C LEU A 203 3.37 -22.34 17.23
N GLY A 204 2.76 -21.62 18.17
CA GLY A 204 3.47 -21.25 19.38
C GLY A 204 3.98 -19.82 19.40
N ILE A 205 4.24 -19.26 18.22
CA ILE A 205 4.76 -17.89 18.12
C ILE A 205 3.68 -16.83 18.18
N ASN A 206 3.64 -16.11 19.30
CA ASN A 206 2.67 -15.04 19.50
C ASN A 206 3.43 -13.78 19.84
N LYS A 207 4.74 -13.92 19.99
CA LYS A 207 5.60 -12.78 20.28
C LYS A 207 6.81 -12.91 19.39
N LEU A 208 7.45 -11.79 19.10
CA LEU A 208 8.60 -11.76 18.22
C LEU A 208 9.73 -12.66 18.72
N VAL A 209 9.83 -12.81 20.04
CA VAL A 209 10.87 -13.63 20.64
C VAL A 209 10.61 -15.13 20.55
N ASP A 210 9.34 -15.53 20.50
CA ASP A 210 8.94 -16.94 20.40
C ASP A 210 9.50 -17.61 19.16
N THR A 211 9.99 -16.82 18.22
CA THR A 211 10.53 -17.32 16.95
C THR A 211 11.84 -18.07 17.12
N LEU A 212 12.55 -17.77 18.20
CA LEU A 212 13.83 -18.42 18.46
C LEU A 212 13.62 -19.83 19.00
N SER A 213 12.44 -20.07 19.59
CA SER A 213 12.10 -21.37 20.16
C SER A 213 12.12 -22.51 19.15
N ILE A 214 11.19 -22.48 18.20
CA ILE A 214 11.08 -23.51 17.19
C ILE A 214 12.28 -23.59 16.26
N GLU A 215 12.43 -24.75 15.60
CA GLU A 215 13.51 -24.99 14.66
C GLU A 215 13.31 -24.22 13.36
N PHE A 216 14.41 -23.77 12.75
CA PHE A 216 14.30 -23.01 11.52
C PHE A 216 13.61 -23.68 10.33
N ASP A 217 13.74 -25.00 10.20
CA ASP A 217 13.10 -25.68 9.07
C ASP A 217 11.63 -26.05 9.30
N LYS A 218 11.10 -25.68 10.46
CA LYS A 218 9.70 -25.94 10.74
C LYS A 218 8.98 -24.65 10.40
N LEU A 219 9.73 -23.55 10.41
CA LEU A 219 9.20 -22.24 10.05
C LEU A 219 9.23 -22.15 8.53
N LYS A 220 10.40 -22.43 7.97
CA LYS A 220 10.59 -22.40 6.53
C LYS A 220 9.51 -23.18 5.79
N GLY A 221 8.95 -24.20 6.44
CA GLY A 221 7.92 -25.00 5.82
C GLY A 221 6.51 -24.54 6.12
N MET A 222 6.37 -23.59 7.06
CA MET A 222 5.06 -23.07 7.43
C MET A 222 4.80 -21.70 6.80
N ILE A 223 5.72 -20.76 6.99
CA ILE A 223 5.56 -19.41 6.45
C ILE A 223 6.57 -19.05 5.37
N GLY A 224 7.36 -20.01 4.93
CA GLY A 224 8.35 -19.73 3.88
C GLY A 224 9.68 -19.24 4.43
N GLU A 225 10.74 -19.40 3.66
CA GLU A 225 12.08 -18.99 4.11
C GLU A 225 12.21 -17.50 4.36
N ALA A 226 11.70 -16.69 3.43
CA ALA A 226 11.77 -15.24 3.54
C ALA A 226 11.24 -14.70 4.87
N LYS A 227 9.96 -14.94 5.14
CA LYS A 227 9.33 -14.46 6.37
C LYS A 227 10.06 -14.97 7.61
N ALA A 228 10.59 -16.19 7.50
CA ALA A 228 11.33 -16.84 8.59
C ALA A 228 12.65 -16.14 8.92
N LYS A 229 13.48 -15.93 7.92
CA LYS A 229 14.73 -15.25 8.18
C LYS A 229 14.47 -13.82 8.64
N TYR A 230 13.52 -13.15 7.98
CA TYR A 230 13.16 -11.78 8.33
C TYR A 230 12.81 -11.67 9.81
N LEU A 231 11.97 -12.58 10.27
CA LEU A 231 11.53 -12.59 11.66
C LEU A 231 12.65 -12.86 12.67
N ILE A 232 13.44 -13.91 12.43
CA ILE A 232 14.53 -14.28 13.31
C ILE A 232 15.52 -13.15 13.48
N SER A 233 15.93 -12.53 12.37
CA SER A 233 16.88 -11.42 12.43
C SER A 233 16.31 -10.24 13.21
N LEU A 234 14.99 -10.10 13.17
CA LEU A 234 14.33 -9.04 13.90
C LEU A 234 14.32 -9.43 15.37
N ALA A 235 14.08 -10.71 15.61
CA ALA A 235 14.02 -11.25 16.96
C ALA A 235 15.38 -11.22 17.65
N ARG A 236 16.44 -11.56 16.92
CA ARG A 236 17.79 -11.57 17.48
C ARG A 236 18.44 -10.19 17.47
N ASP A 237 17.81 -9.25 16.77
CA ASP A 237 18.28 -7.86 16.67
C ASP A 237 19.32 -7.68 15.55
N GLU A 238 19.28 -8.55 14.56
CA GLU A 238 20.22 -8.46 13.45
C GLU A 238 19.62 -7.85 12.20
N TYR A 239 18.39 -7.34 12.30
CA TYR A 239 17.76 -6.70 11.15
C TYR A 239 18.48 -5.39 10.88
N ASN A 240 19.00 -5.23 9.67
CA ASN A 240 19.72 -4.02 9.31
C ASN A 240 19.63 -3.78 7.82
N GLU A 241 18.41 -3.79 7.30
CA GLU A 241 18.18 -3.55 5.88
C GLU A 241 18.51 -2.12 5.53
N PRO A 242 19.10 -1.92 4.35
CA PRO A 242 19.49 -0.59 3.89
C PRO A 242 18.31 0.19 3.27
N ILE A 243 18.43 1.51 3.19
CA ILE A 243 17.39 2.33 2.57
C ILE A 243 17.74 2.49 1.11
N ARG A 244 17.17 1.63 0.27
CA ARG A 244 17.41 1.62 -1.16
C ARG A 244 16.31 2.29 -1.95
N THR A 245 16.69 3.17 -2.87
CA THR A 245 15.72 3.83 -3.72
C THR A 245 15.04 2.71 -4.53
N ARG A 246 13.80 2.89 -4.95
CA ARG A 246 13.15 1.82 -5.73
C ARG A 246 12.30 2.32 -6.90
N VAL A 247 12.10 1.45 -7.88
CA VAL A 247 11.31 1.79 -9.08
C VAL A 247 10.09 0.92 -9.34
N ARG A 248 9.05 1.53 -9.89
CA ARG A 248 7.82 0.83 -10.23
C ARG A 248 8.15 -0.34 -11.17
N LYS A 249 7.83 -1.56 -10.77
CA LYS A 249 8.12 -2.70 -11.63
C LYS A 249 6.89 -3.21 -12.37
N SER A 250 5.80 -2.44 -12.35
CA SER A 250 4.58 -2.83 -13.06
C SER A 250 3.48 -1.77 -12.99
N ILE A 251 2.60 -1.76 -13.98
CA ILE A 251 1.50 -0.81 -14.06
C ILE A 251 0.29 -1.54 -14.63
N GLY A 252 -0.88 -1.30 -14.05
CA GLY A 252 -2.07 -1.96 -14.53
C GLY A 252 -3.34 -1.18 -14.28
N ARG A 253 -4.47 -1.84 -14.48
CA ARG A 253 -5.77 -1.21 -14.29
C ARG A 253 -6.87 -2.26 -14.41
N ILE A 254 -7.71 -2.33 -13.38
CA ILE A 254 -8.84 -3.27 -13.31
C ILE A 254 -10.15 -2.52 -13.23
N VAL A 255 -11.14 -2.94 -14.03
CA VAL A 255 -12.44 -2.27 -14.04
C VAL A 255 -13.59 -3.21 -13.68
N THR A 256 -14.64 -2.68 -13.06
CA THR A 256 -15.78 -3.51 -12.70
C THR A 256 -16.80 -3.39 -13.81
N MET A 257 -17.47 -4.50 -14.13
CA MET A 257 -18.47 -4.48 -15.19
C MET A 257 -19.85 -4.34 -14.58
N LYS A 258 -20.76 -3.68 -15.30
CA LYS A 258 -22.13 -3.50 -14.80
C LYS A 258 -22.62 -4.85 -14.30
N ARG A 259 -22.65 -5.83 -15.19
CA ARG A 259 -23.10 -7.16 -14.84
C ARG A 259 -21.99 -8.17 -15.00
N ASN A 260 -22.15 -9.32 -14.35
CA ASN A 260 -21.18 -10.40 -14.44
C ASN A 260 -21.57 -11.16 -15.69
N SER A 261 -20.58 -11.58 -16.47
CA SER A 261 -20.87 -12.33 -17.69
C SER A 261 -19.74 -13.24 -18.10
N ARG A 262 -19.93 -13.93 -19.22
CA ARG A 262 -18.94 -14.84 -19.75
C ARG A 262 -18.74 -14.58 -21.24
N ASN A 263 -19.67 -13.83 -21.83
CA ASN A 263 -19.62 -13.50 -23.25
C ASN A 263 -18.43 -12.62 -23.61
N LEU A 264 -17.46 -13.20 -24.32
CA LEU A 264 -16.26 -12.49 -24.73
C LEU A 264 -16.60 -11.10 -25.27
N GLU A 265 -17.60 -11.04 -26.14
CA GLU A 265 -18.01 -9.78 -26.76
C GLU A 265 -18.54 -8.74 -25.78
N GLU A 266 -18.91 -9.20 -24.59
CA GLU A 266 -19.46 -8.31 -23.57
C GLU A 266 -18.38 -7.84 -22.60
N ILE A 267 -17.31 -8.62 -22.49
CA ILE A 267 -16.21 -8.27 -21.59
C ILE A 267 -15.13 -7.49 -22.33
N LYS A 268 -14.86 -7.87 -23.58
CA LYS A 268 -13.85 -7.22 -24.41
C LYS A 268 -13.74 -5.70 -24.22
N PRO A 269 -14.84 -4.95 -24.43
CA PRO A 269 -14.78 -3.50 -24.27
C PRO A 269 -14.24 -3.00 -22.91
N TYR A 270 -14.48 -3.76 -21.86
CA TYR A 270 -14.00 -3.37 -20.53
C TYR A 270 -12.51 -3.59 -20.53
N LEU A 271 -12.10 -4.69 -21.14
CA LEU A 271 -10.69 -5.07 -21.20
C LEU A 271 -9.88 -4.04 -22.00
N PHE A 272 -10.51 -3.42 -22.98
CA PHE A 272 -9.79 -2.42 -23.76
C PHE A 272 -9.63 -1.12 -22.98
N ARG A 273 -10.71 -0.68 -22.32
CA ARG A 273 -10.66 0.52 -21.52
C ARG A 273 -9.45 0.37 -20.59
N ALA A 274 -9.34 -0.79 -19.94
CA ALA A 274 -8.22 -1.06 -19.05
C ALA A 274 -6.88 -0.96 -19.78
N ILE A 275 -6.76 -1.67 -20.91
CA ILE A 275 -5.54 -1.66 -21.72
C ILE A 275 -5.19 -0.24 -22.17
N GLU A 276 -6.23 0.53 -22.46
CA GLU A 276 -6.09 1.90 -22.93
C GLU A 276 -5.56 2.82 -21.84
N GLU A 277 -6.04 2.64 -20.62
CA GLU A 277 -5.59 3.47 -19.50
C GLU A 277 -4.24 3.01 -19.01
N SER A 278 -3.98 1.72 -19.15
CA SER A 278 -2.70 1.20 -18.72
C SER A 278 -1.59 1.82 -19.55
N TYR A 279 -1.82 2.02 -20.84
CA TYR A 279 -0.79 2.63 -21.66
C TYR A 279 -0.59 4.10 -21.37
N TYR A 280 -1.65 4.77 -20.93
CA TYR A 280 -1.58 6.18 -20.58
C TYR A 280 -0.67 6.31 -19.36
N LYS A 281 -0.77 5.34 -18.44
CA LYS A 281 0.04 5.33 -17.22
C LYS A 281 1.49 5.00 -17.50
N LEU A 282 1.73 4.15 -18.50
CA LEU A 282 3.11 3.78 -18.83
C LEU A 282 3.88 5.02 -19.29
N ASP A 283 3.17 5.98 -19.86
CA ASP A 283 3.75 7.25 -20.33
C ASP A 283 4.85 7.12 -21.39
N LYS A 284 6.04 6.70 -21.00
CA LYS A 284 7.12 6.56 -21.96
C LYS A 284 7.85 5.22 -21.79
N ARG A 285 7.14 4.25 -21.23
CA ARG A 285 7.72 2.94 -21.00
C ARG A 285 7.15 1.82 -21.86
N ILE A 286 8.05 0.92 -22.27
CA ILE A 286 7.69 -0.21 -23.10
C ILE A 286 7.80 -1.47 -22.26
N PRO A 287 6.69 -2.17 -22.05
CA PRO A 287 6.66 -3.42 -21.26
C PRO A 287 6.95 -4.62 -22.14
N LYS A 288 7.40 -5.72 -21.56
CA LYS A 288 7.68 -6.93 -22.34
C LYS A 288 6.74 -8.06 -21.97
N ALA A 289 6.14 -7.98 -20.79
CA ALA A 289 5.21 -9.00 -20.34
C ALA A 289 3.85 -8.37 -20.07
N ILE A 290 2.79 -9.11 -20.38
CA ILE A 290 1.44 -8.63 -20.17
C ILE A 290 0.64 -9.70 -19.41
N HIS A 291 -0.30 -9.25 -18.58
CA HIS A 291 -1.14 -10.15 -17.82
C HIS A 291 -2.58 -9.68 -17.83
N VAL A 292 -3.51 -10.63 -17.88
CA VAL A 292 -4.92 -10.29 -17.83
C VAL A 292 -5.40 -10.92 -16.55
N VAL A 293 -5.87 -10.12 -15.61
CA VAL A 293 -6.40 -10.68 -14.36
C VAL A 293 -7.89 -10.52 -14.47
N ALA A 294 -8.60 -11.51 -13.96
CA ALA A 294 -10.05 -11.48 -14.00
C ALA A 294 -10.56 -11.85 -12.63
N VAL A 295 -11.41 -10.99 -12.07
CA VAL A 295 -11.99 -11.24 -10.76
C VAL A 295 -13.30 -12.01 -10.97
N THR A 296 -13.37 -13.22 -10.44
CA THR A 296 -14.55 -14.07 -10.60
C THR A 296 -15.74 -13.58 -9.79
N GLU A 297 -16.92 -14.03 -10.18
CA GLU A 297 -18.17 -13.65 -9.54
C GLU A 297 -18.12 -13.81 -8.01
N ASP A 298 -17.34 -14.76 -7.52
CA ASP A 298 -17.24 -14.99 -6.08
C ASP A 298 -16.06 -14.28 -5.41
N LEU A 299 -15.50 -13.30 -6.11
CA LEU A 299 -14.37 -12.49 -5.63
C LEU A 299 -13.04 -13.25 -5.51
N ASP A 300 -12.76 -14.09 -6.49
CA ASP A 300 -11.51 -14.86 -6.55
C ASP A 300 -10.76 -14.36 -7.80
N ILE A 301 -9.44 -14.29 -7.70
CA ILE A 301 -8.63 -13.79 -8.80
C ILE A 301 -7.97 -14.84 -9.69
N VAL A 302 -8.14 -14.66 -11.00
CA VAL A 302 -7.58 -15.55 -12.02
C VAL A 302 -6.84 -14.69 -13.05
N SER A 303 -5.58 -15.01 -13.33
CA SER A 303 -4.80 -14.24 -14.31
C SER A 303 -4.07 -15.14 -15.30
N ARG A 304 -3.64 -14.56 -16.41
CA ARG A 304 -2.92 -15.31 -17.44
C ARG A 304 -1.98 -14.37 -18.18
N GLY A 305 -0.71 -14.75 -18.27
CA GLY A 305 0.26 -13.90 -18.93
C GLY A 305 0.99 -14.49 -20.12
N ARG A 306 1.97 -13.73 -20.58
CA ARG A 306 2.79 -14.08 -21.74
C ARG A 306 3.91 -13.05 -21.83
N THR A 307 5.15 -13.52 -21.85
CA THR A 307 6.32 -12.64 -21.95
C THR A 307 6.83 -12.71 -23.38
N PHE A 308 7.19 -11.56 -23.94
CA PHE A 308 7.70 -11.50 -25.31
C PHE A 308 9.17 -11.12 -25.28
N PRO A 309 9.92 -11.49 -26.31
CA PRO A 309 11.36 -11.16 -26.39
C PRO A 309 11.56 -9.68 -26.70
N HIS A 310 10.48 -9.02 -27.10
CA HIS A 310 10.51 -7.60 -27.45
C HIS A 310 9.45 -6.85 -26.62
N GLY A 311 9.32 -5.56 -26.87
CA GLY A 311 8.32 -4.79 -26.15
C GLY A 311 6.93 -5.10 -26.69
N ILE A 312 5.90 -4.61 -26.02
CA ILE A 312 4.54 -4.85 -26.46
C ILE A 312 3.92 -3.57 -26.94
N SER A 313 3.54 -3.51 -28.21
CA SER A 313 2.92 -2.29 -28.73
C SER A 313 1.45 -2.34 -28.38
N LYS A 314 0.78 -1.17 -28.39
CA LYS A 314 -0.65 -1.12 -28.05
C LYS A 314 -1.46 -2.12 -28.87
N GLU A 315 -1.16 -2.23 -30.16
CA GLU A 315 -1.87 -3.16 -31.03
C GLU A 315 -1.69 -4.62 -30.62
N THR A 316 -0.49 -5.00 -30.20
CA THR A 316 -0.29 -6.37 -29.81
C THR A 316 -0.80 -6.64 -28.40
N ALA A 317 -1.02 -5.58 -27.63
CA ALA A 317 -1.55 -5.74 -26.26
C ALA A 317 -3.02 -6.06 -26.39
N TYR A 318 -3.71 -5.40 -27.32
CA TYR A 318 -5.13 -5.66 -27.54
C TYR A 318 -5.30 -7.12 -27.95
N SER A 319 -4.66 -7.47 -29.06
CA SER A 319 -4.72 -8.82 -29.59
C SER A 319 -4.33 -9.90 -28.57
N GLU A 320 -3.11 -9.83 -28.07
CA GLU A 320 -2.63 -10.81 -27.10
C GLU A 320 -3.46 -10.84 -25.81
N SER A 321 -4.15 -9.75 -25.52
CA SER A 321 -4.99 -9.66 -24.32
C SER A 321 -6.27 -10.46 -24.45
N VAL A 322 -6.80 -10.52 -25.67
CA VAL A 322 -8.02 -11.25 -25.94
C VAL A 322 -7.78 -12.76 -25.91
N LYS A 323 -6.63 -13.22 -26.40
CA LYS A 323 -6.37 -14.66 -26.35
C LYS A 323 -6.36 -15.08 -24.88
N LEU A 324 -5.47 -14.46 -24.10
CA LEU A 324 -5.34 -14.71 -22.67
C LEU A 324 -6.68 -14.74 -21.93
N LEU A 325 -7.60 -13.89 -22.37
CA LEU A 325 -8.92 -13.85 -21.79
C LEU A 325 -9.65 -15.13 -22.18
N GLN A 326 -9.59 -15.46 -23.47
CA GLN A 326 -10.22 -16.68 -24.02
C GLN A 326 -9.68 -17.91 -23.31
N LYS A 327 -8.45 -17.79 -22.82
CA LYS A 327 -7.80 -18.87 -22.11
C LYS A 327 -8.29 -18.90 -20.67
N ILE A 328 -8.74 -17.77 -20.14
CA ILE A 328 -9.23 -17.72 -18.77
C ILE A 328 -10.62 -18.35 -18.65
N LEU A 329 -11.50 -18.03 -19.59
CA LEU A 329 -12.84 -18.59 -19.57
C LEU A 329 -12.75 -20.09 -19.84
N GLU A 330 -11.82 -20.45 -20.72
CA GLU A 330 -11.60 -21.84 -21.07
C GLU A 330 -11.19 -22.65 -19.84
N GLU A 331 -10.23 -22.16 -19.07
CA GLU A 331 -9.72 -22.85 -17.88
C GLU A 331 -10.50 -22.60 -16.60
N ASP A 332 -11.58 -21.84 -16.68
CA ASP A 332 -12.40 -21.54 -15.50
C ASP A 332 -13.87 -21.77 -15.87
N GLU A 333 -14.75 -21.69 -14.88
CA GLU A 333 -16.17 -21.91 -15.14
C GLU A 333 -17.04 -20.76 -14.65
N ARG A 334 -16.54 -20.03 -13.65
CA ARG A 334 -17.27 -18.92 -13.07
C ARG A 334 -17.49 -17.77 -14.03
N LYS A 335 -18.39 -16.87 -13.65
CA LYS A 335 -18.68 -15.71 -14.48
C LYS A 335 -17.67 -14.66 -14.01
N ILE A 336 -17.21 -13.82 -14.94
CA ILE A 336 -16.26 -12.76 -14.61
C ILE A 336 -16.98 -11.55 -14.03
N ARG A 337 -16.35 -10.90 -13.04
CA ARG A 337 -16.92 -9.71 -12.39
C ARG A 337 -16.11 -8.45 -12.69
N ARG A 338 -14.81 -8.54 -12.44
CA ARG A 338 -13.90 -7.44 -12.69
C ARG A 338 -12.88 -7.95 -13.70
N ILE A 339 -12.44 -7.09 -14.61
CA ILE A 339 -11.45 -7.47 -15.62
C ILE A 339 -10.39 -6.39 -15.80
N GLY A 340 -9.15 -6.80 -16.03
CA GLY A 340 -8.09 -5.83 -16.21
C GLY A 340 -6.77 -6.36 -16.73
N VAL A 341 -5.81 -5.46 -16.83
CA VAL A 341 -4.49 -5.79 -17.32
C VAL A 341 -3.36 -5.29 -16.45
N ARG A 342 -2.25 -6.00 -16.52
CA ARG A 342 -1.05 -5.66 -15.78
C ARG A 342 0.13 -5.76 -16.74
N PHE A 343 0.85 -4.65 -16.90
CA PHE A 343 2.03 -4.59 -17.76
C PHE A 343 3.25 -4.53 -16.84
N SER A 344 4.19 -5.45 -17.04
CA SER A 344 5.40 -5.53 -16.23
C SER A 344 6.64 -5.69 -17.09
N LYS A 345 7.72 -6.20 -16.49
CA LYS A 345 9.00 -6.40 -17.17
C LYS A 345 9.28 -5.30 -18.20
N PHE A 346 9.64 -4.12 -17.73
CA PHE A 346 9.91 -2.99 -18.61
C PHE A 346 11.23 -3.05 -19.36
N ILE A 347 11.25 -2.43 -20.54
CA ILE A 347 12.42 -2.38 -21.41
C ILE A 347 13.51 -1.51 -20.77
PA TTP D . -2.63 4.31 4.60
O1A TTP D . -1.66 5.20 3.82
O2A TTP D . -2.00 3.01 4.93
O3A TTP D . -2.87 5.08 5.91
PB TTP D . -3.61 6.49 6.01
O1B TTP D . -4.15 7.13 4.80
O2B TTP D . -2.60 7.36 6.64
O3B TTP D . -4.57 6.11 7.08
PG TTP D . -4.46 6.52 8.52
O1G TTP D . -4.40 5.37 9.43
O2G TTP D . -3.18 7.42 8.79
O3G TTP D . -5.69 7.51 8.84
O5' TTP D . -4.02 4.42 3.78
C5' TTP D . -3.88 4.34 2.59
C4' TTP D . -3.76 5.38 1.53
O4' TTP D . -3.67 4.30 0.54
C3' TTP D . -5.03 6.16 1.44
O3' TTP D . -4.88 7.38 1.37
C2' TTP D . -5.77 5.53 0.29
C1' TTP D . -4.92 4.29 -0.15
N1 TTP D . -5.91 3.07 0.06
C2 TTP D . -6.89 2.69 -0.84
O2 TTP D . -7.08 3.27 -1.90
N3 TTP D . -7.67 1.57 -0.46
C4 TTP D . -7.55 0.83 0.72
O4 TTP D . -8.30 -0.14 0.94
C5 TTP D . -6.51 1.31 1.61
C5M TTP D . -6.30 0.54 2.95
C6 TTP D . -5.76 2.36 1.27
CA CA E . -0.49 7.10 5.60
CA CA F . 0.90 4.29 5.23
CA CA G . -0.62 -7.04 10.48
C8A AFN H . -6.64 -4.06 -4.82
C9 AFN H . -7.14 -4.05 -3.34
O9 AFN H . -8.11 -5.06 -3.11
C9A AFN H . -7.76 -2.65 -3.11
C9B AFN H . -6.75 -1.54 -2.83
O7 AFN H . -7.83 -3.38 -5.39
C6A AFN H . -8.26 -2.26 -4.53
O6A AFN H . -7.61 -1.02 -4.92
C5A AFN H . -6.74 -0.67 -3.91
C5B AFN H . -5.84 0.42 -3.96
C4B AFN H . -4.92 0.65 -2.87
O4 AFN H . -4.02 1.71 -2.90
CM AFN H . -3.89 2.68 -3.95
C4A AFN H . -4.93 -0.30 -1.71
C10 AFN H . -5.89 -1.38 -1.74
O10 AFN H . -5.95 -2.31 -0.69
C11 AFN H . -5.11 -2.25 0.47
O11 AFN H . -5.28 -3.12 1.33
C12 AFN H . -4.16 -1.17 0.49
C3A AFN H . -4.07 -0.25 -0.55
C3 AFN H . -2.99 0.76 -0.25
C2A AFN H . -2.42 0.32 1.10
C1 AFN H . -3.21 -0.92 1.52
O1 AFN H . -2.99 -1.51 2.58
#